data_4A7V
#
_entry.id   4A7V
#
_cell.length_a   38.396
_cell.length_b   68.035
_cell.length_c   49.851
_cell.angle_alpha   90.00
_cell.angle_beta   104.82
_cell.angle_gamma   90.00
#
_symmetry.space_group_name_H-M   'P 1 21 1'
#
loop_
_entity.id
_entity.type
_entity.pdbx_description
1 polymer 'SUPEROXIDE DISMUTASE [CU-ZN]'
2 non-polymer L-DOPAMINE
3 non-polymer 'SULFATE ION'
4 non-polymer 'COPPER (II) ION'
5 non-polymer 'ZINC ION'
6 water water
#
_entity_poly.entity_id   1
_entity_poly.type   'polypeptide(L)'
_entity_poly.pdbx_seq_one_letter_code
;ATKAVCVLKGDGPVQGIINFEQKESNGPVKVWGSIKGLTEGLHGFHVHEFGDNTAGCTSAGPHFNPLSRKHGGPKDEERH
VGDLGNVTADKDGVADVSIEDSVISLSGDHCITGRTLVVHEKADDLGKGGNEESTKTGNAGSRLACGVIGIAQ
;
_entity_poly.pdbx_strand_id   A,F
#
# COMPACT_ATOMS: atom_id res chain seq x y z
N ALA A 1 -3.61 14.35 -14.53
CA ALA A 1 -4.38 13.77 -13.40
C ALA A 1 -3.46 12.92 -12.55
N THR A 2 -3.84 12.76 -11.31
CA THR A 2 -3.18 11.88 -10.37
C THR A 2 -4.07 10.67 -10.12
N LYS A 3 -3.46 9.48 -10.00
CA LYS A 3 -4.22 8.24 -9.84
C LYS A 3 -3.67 7.40 -8.72
N ALA A 4 -4.56 6.64 -8.11
CA ALA A 4 -4.19 5.70 -7.06
C ALA A 4 -5.07 4.47 -7.18
N VAL A 5 -4.71 3.41 -6.47
CA VAL A 5 -5.38 2.15 -6.60
C VAL A 5 -5.27 1.36 -5.30
N CYS A 6 -6.26 0.53 -5.02
CA CYS A 6 -6.24 -0.31 -3.83
C CYS A 6 -6.83 -1.67 -4.16
N VAL A 7 -6.10 -2.71 -3.81
CA VAL A 7 -6.57 -4.08 -3.91
C VAL A 7 -7.02 -4.50 -2.50
N LEU A 8 -8.30 -4.82 -2.35
CA LEU A 8 -8.87 -5.21 -1.06
C LEU A 8 -8.91 -6.74 -0.91
N LYS A 9 -8.31 -7.22 0.18
CA LYS A 9 -8.29 -8.64 0.52
C LYS A 9 -8.46 -8.79 2.02
N GLY A 10 -8.94 -9.94 2.48
CA GLY A 10 -8.97 -10.23 3.90
C GLY A 10 -8.88 -11.72 4.15
N ASP A 11 -9.40 -12.13 5.30
CA ASP A 11 -9.30 -13.54 5.69
C ASP A 11 -10.44 -14.39 5.19
N GLY A 12 -11.53 -13.79 4.74
CA GLY A 12 -12.71 -14.47 4.26
C GLY A 12 -12.90 -14.19 2.79
N PRO A 13 -14.14 -14.18 2.33
CA PRO A 13 -14.42 -14.15 0.90
C PRO A 13 -14.42 -12.75 0.24
N VAL A 14 -14.27 -11.70 1.03
CA VAL A 14 -14.43 -10.37 0.49
C VAL A 14 -13.17 -9.93 -0.20
N GLN A 15 -13.34 -9.51 -1.46
CA GLN A 15 -12.22 -9.03 -2.23
C GLN A 15 -12.70 -7.96 -3.19
N GLY A 16 -11.83 -7.03 -3.48
CA GLY A 16 -12.22 -5.98 -4.37
C GLY A 16 -11.06 -5.22 -4.96
N ILE A 17 -11.38 -4.33 -5.89
N ILE A 17 -11.39 -4.29 -5.83
CA ILE A 17 -10.40 -3.43 -6.55
CA ILE A 17 -10.41 -3.45 -6.52
C ILE A 17 -11.05 -2.07 -6.63
C ILE A 17 -11.04 -2.08 -6.65
N ILE A 18 -10.34 -1.06 -6.14
CA ILE A 18 -10.85 0.32 -6.11
C ILE A 18 -9.80 1.24 -6.75
N ASN A 19 -10.24 2.09 -7.63
CA ASN A 19 -9.44 3.07 -8.33
C ASN A 19 -9.81 4.48 -7.86
N PHE A 20 -8.82 5.35 -7.84
CA PHE A 20 -8.98 6.77 -7.50
C PHE A 20 -8.36 7.61 -8.60
N GLU A 21 -9.03 8.70 -8.95
CA GLU A 21 -8.49 9.66 -9.91
C GLU A 21 -8.84 11.05 -9.50
N GLN A 22 -7.85 11.94 -9.56
CA GLN A 22 -8.00 13.36 -9.19
C GLN A 22 -7.49 14.21 -10.34
N LYS A 23 -8.38 14.90 -11.02
CA LYS A 23 -8.01 15.66 -12.21
C LYS A 23 -7.15 16.86 -11.84
N GLU A 24 -7.43 17.53 -10.72
CA GLU A 24 -6.76 18.77 -10.36
C GLU A 24 -6.29 18.68 -8.93
N SER A 25 -5.15 19.30 -8.64
CA SER A 25 -4.71 19.44 -7.27
C SER A 25 -5.88 20.06 -6.51
N ASN A 26 -6.15 19.54 -5.33
CA ASN A 26 -7.24 20.03 -4.50
C ASN A 26 -8.63 19.93 -5.14
N GLY A 27 -8.77 19.27 -6.28
CA GLY A 27 -10.11 19.02 -6.84
C GLY A 27 -10.73 17.72 -6.30
N PRO A 28 -11.97 17.42 -6.73
CA PRO A 28 -12.61 16.17 -6.27
C PRO A 28 -11.90 14.94 -6.80
N VAL A 29 -12.07 13.86 -6.05
CA VAL A 29 -11.51 12.56 -6.39
C VAL A 29 -12.64 11.61 -6.76
N LYS A 30 -12.55 11.00 -7.95
CA LYS A 30 -13.43 9.94 -8.33
C LYS A 30 -12.92 8.62 -7.78
N VAL A 31 -13.85 7.82 -7.25
CA VAL A 31 -13.54 6.53 -6.60
C VAL A 31 -14.44 5.51 -7.25
N TRP A 32 -13.88 4.46 -7.83
CA TRP A 32 -14.71 3.49 -8.53
C TRP A 32 -14.10 2.14 -8.53
N GLY A 33 -14.95 1.12 -8.62
CA GLY A 33 -14.48 -0.25 -8.71
C GLY A 33 -15.56 -1.20 -8.23
N SER A 34 -15.12 -2.37 -7.72
CA SER A 34 -16.06 -3.45 -7.38
C SER A 34 -15.57 -4.20 -6.19
N ILE A 35 -16.49 -4.68 -5.38
CA ILE A 35 -16.17 -5.51 -4.23
C ILE A 35 -17.15 -6.70 -4.29
N LYS A 36 -16.67 -7.91 -4.11
CA LYS A 36 -17.48 -9.12 -4.09
C LYS A 36 -17.31 -9.90 -2.78
N GLY A 37 -18.17 -10.90 -2.57
CA GLY A 37 -18.12 -11.72 -1.37
C GLY A 37 -18.81 -11.12 -0.16
N LEU A 38 -19.61 -10.06 -0.38
CA LEU A 38 -20.26 -9.34 0.71
C LEU A 38 -21.66 -9.86 0.96
N THR A 39 -22.11 -9.76 2.20
CA THR A 39 -23.53 -9.93 2.51
C THR A 39 -24.32 -8.76 1.91
N GLU A 40 -25.57 -9.03 1.54
CA GLU A 40 -26.44 -8.00 1.02
C GLU A 40 -26.60 -6.85 2.01
N GLY A 41 -26.58 -5.62 1.49
CA GLY A 41 -26.78 -4.46 2.31
C GLY A 41 -25.55 -3.58 2.39
N LEU A 42 -25.56 -2.70 3.38
CA LEU A 42 -24.55 -1.68 3.52
C LEU A 42 -23.34 -2.21 4.25
N HIS A 43 -22.17 -1.73 3.82
CA HIS A 43 -20.90 -2.01 4.47
C HIS A 43 -20.12 -0.73 4.58
N GLY A 44 -19.70 -0.37 5.78
CA GLY A 44 -18.90 0.83 5.97
C GLY A 44 -17.64 0.80 5.13
N PHE A 45 -17.24 1.99 4.66
CA PHE A 45 -16.17 2.10 3.64
C PHE A 45 -15.36 3.33 3.99
N HIS A 46 -14.13 3.12 4.49
CA HIS A 46 -13.36 4.22 5.04
C HIS A 46 -11.89 4.08 4.71
N VAL A 47 -11.23 5.23 4.64
CA VAL A 47 -9.77 5.27 4.69
C VAL A 47 -9.36 5.39 6.16
N HIS A 48 -8.53 4.44 6.60
CA HIS A 48 -7.95 4.41 7.93
C HIS A 48 -6.57 4.98 7.91
N GLU A 49 -6.12 5.40 9.09
CA GLU A 49 -4.94 6.23 9.20
C GLU A 49 -3.64 5.59 8.67
N PHE A 50 -3.38 4.34 9.04
CA PHE A 50 -2.13 3.73 8.73
C PHE A 50 -2.25 2.79 7.57
N GLY A 51 -1.23 2.77 6.72
CA GLY A 51 -1.06 1.77 5.68
C GLY A 51 -0.33 0.54 6.16
N ASP A 52 -0.67 0.08 7.35
CA ASP A 52 -0.03 -1.02 8.07
C ASP A 52 -1.00 -2.16 8.09
N ASN A 53 -0.63 -3.27 7.43
N ASN A 53 -0.62 -3.25 7.42
CA ASN A 53 -1.40 -4.53 7.39
CA ASN A 53 -1.44 -4.45 7.44
C ASN A 53 -0.67 -5.66 8.07
C ASN A 53 -0.66 -5.65 8.06
N THR A 54 0.27 -5.33 8.93
CA THR A 54 1.16 -6.34 9.55
C THR A 54 0.34 -7.51 10.09
N ALA A 55 -0.65 -7.21 10.91
CA ALA A 55 -1.46 -8.23 11.55
C ALA A 55 -2.85 -8.31 10.95
N GLY A 56 -3.00 -7.92 9.68
CA GLY A 56 -4.28 -7.80 9.04
C GLY A 56 -4.84 -6.39 9.15
N CYS A 57 -6.12 -6.29 8.87
CA CYS A 57 -6.76 -4.98 8.74
C CYS A 57 -6.80 -4.20 10.05
N THR A 58 -6.72 -4.85 11.20
CA THR A 58 -6.70 -4.14 12.47
C THR A 58 -5.52 -3.18 12.58
N SER A 59 -4.40 -3.53 11.93
CA SER A 59 -3.19 -2.75 12.08
C SER A 59 -3.33 -1.34 11.48
N ALA A 60 -4.39 -1.10 10.68
CA ALA A 60 -4.58 0.16 10.01
C ALA A 60 -5.05 1.28 10.95
N GLY A 61 -5.46 0.95 12.17
CA GLY A 61 -5.83 2.00 13.09
C GLY A 61 -7.21 2.57 12.81
N PRO A 62 -7.45 3.77 13.35
CA PRO A 62 -8.76 4.41 13.28
C PRO A 62 -8.97 5.07 11.93
N HIS A 63 -10.15 5.62 11.71
CA HIS A 63 -10.40 6.39 10.47
C HIS A 63 -9.39 7.51 10.34
N PHE A 64 -8.95 7.78 9.11
CA PHE A 64 -8.00 8.87 8.85
C PHE A 64 -8.69 10.19 9.19
N ASN A 65 -8.08 10.92 10.09
CA ASN A 65 -8.73 12.08 10.73
C ASN A 65 -7.69 13.15 11.03
N PRO A 66 -7.04 13.72 10.00
CA PRO A 66 -6.00 14.71 10.24
C PRO A 66 -6.52 16.00 10.88
N LEU A 67 -7.82 16.29 10.76
CA LEU A 67 -8.46 17.49 11.34
C LEU A 67 -9.16 17.27 12.67
N SER A 68 -9.01 16.12 13.30
CA SER A 68 -9.56 15.90 14.65
C SER A 68 -11.07 16.22 14.73
N ARG A 69 -11.82 15.72 13.76
CA ARG A 69 -13.25 15.85 13.74
C ARG A 69 -13.89 14.57 14.24
N LYS A 70 -15.20 14.65 14.46
CA LYS A 70 -16.05 13.48 14.71
C LYS A 70 -16.43 12.78 13.42
N HIS A 71 -16.79 11.51 13.57
CA HIS A 71 -17.22 10.68 12.46
C HIS A 71 -18.51 11.20 11.86
N GLY A 72 -18.62 11.11 10.55
CA GLY A 72 -19.86 11.44 9.84
C GLY A 72 -19.92 10.70 8.54
N GLY A 73 -20.87 11.11 7.71
CA GLY A 73 -20.98 10.60 6.34
C GLY A 73 -20.24 11.52 5.38
N PRO A 74 -20.08 11.04 4.15
CA PRO A 74 -19.30 11.79 3.18
C PRO A 74 -19.92 13.10 2.80
N LYS A 75 -21.23 13.25 2.95
CA LYS A 75 -21.93 14.48 2.64
C LYS A 75 -22.11 15.40 3.85
N ASP A 76 -21.49 15.10 4.96
CA ASP A 76 -21.57 15.92 6.13
C ASP A 76 -20.35 16.83 6.25
N GLU A 77 -20.53 18.00 6.85
CA GLU A 77 -19.40 18.85 7.17
C GLU A 77 -18.53 18.23 8.28
N GLU A 78 -19.18 17.74 9.31
CA GLU A 78 -18.50 17.10 10.44
C GLU A 78 -18.26 15.63 10.05
N ARG A 79 -17.04 15.35 9.63
CA ARG A 79 -16.63 14.01 9.21
C ARG A 79 -15.14 13.93 9.34
N HIS A 80 -14.66 12.69 9.41
CA HIS A 80 -13.25 12.39 9.23
C HIS A 80 -12.93 12.52 7.72
N VAL A 81 -11.68 12.86 7.39
CA VAL A 81 -11.28 12.84 5.98
C VAL A 81 -11.58 11.45 5.39
N GLY A 82 -11.29 10.39 6.13
CA GLY A 82 -11.51 9.06 5.62
C GLY A 82 -12.92 8.56 5.48
N ASP A 83 -13.93 9.35 5.82
CA ASP A 83 -15.31 8.88 5.86
C ASP A 83 -15.97 8.86 4.50
N LEU A 84 -15.95 7.68 3.83
CA LEU A 84 -16.55 7.50 2.50
C LEU A 84 -17.90 6.79 2.56
N GLY A 85 -18.49 6.70 3.75
CA GLY A 85 -19.84 6.20 3.87
C GLY A 85 -19.96 4.70 3.82
N ASN A 86 -20.82 4.23 2.94
CA ASN A 86 -21.10 2.80 2.75
C ASN A 86 -21.00 2.43 1.30
N VAL A 87 -20.64 1.17 1.03
CA VAL A 87 -20.93 0.52 -0.22
C VAL A 87 -22.12 -0.38 0.01
N THR A 88 -22.86 -0.66 -1.03
CA THR A 88 -24.08 -1.44 -0.90
C THR A 88 -24.00 -2.64 -1.83
N ALA A 89 -24.09 -3.84 -1.24
CA ALA A 89 -24.06 -5.09 -1.96
C ALA A 89 -25.47 -5.60 -2.25
N ASP A 90 -25.67 -6.16 -3.44
N ASP A 90 -25.63 -6.21 -3.41
CA ASP A 90 -26.92 -6.84 -3.78
CA ASP A 90 -26.87 -6.87 -3.77
C ASP A 90 -26.87 -8.29 -3.30
C ASP A 90 -26.85 -8.31 -3.29
N LYS A 91 -27.91 -9.04 -3.62
N LYS A 91 -27.90 -9.06 -3.60
CA LYS A 91 -28.02 -10.47 -3.28
CA LYS A 91 -27.99 -10.48 -3.24
C LYS A 91 -26.88 -11.30 -3.81
C LYS A 91 -26.83 -11.28 -3.79
N ASP A 92 -26.28 -10.87 -4.92
CA ASP A 92 -25.13 -11.65 -5.46
C ASP A 92 -23.84 -11.39 -4.68
N GLY A 93 -23.88 -10.48 -3.72
CA GLY A 93 -22.72 -10.15 -2.88
C GLY A 93 -21.75 -9.16 -3.48
N VAL A 94 -22.19 -8.49 -4.55
CA VAL A 94 -21.40 -7.54 -5.28
C VAL A 94 -21.85 -6.10 -5.01
N ALA A 95 -20.87 -5.26 -4.66
CA ALA A 95 -21.06 -3.81 -4.57
C ALA A 95 -20.30 -3.14 -5.70
N ASP A 96 -21.02 -2.37 -6.51
CA ASP A 96 -20.47 -1.51 -7.54
C ASP A 96 -20.20 -0.16 -6.86
N VAL A 97 -18.95 0.28 -6.93
CA VAL A 97 -18.60 1.50 -6.28
C VAL A 97 -18.41 2.58 -7.33
N SER A 98 -19.09 3.69 -7.12
CA SER A 98 -18.89 4.86 -7.94
C SER A 98 -19.26 6.08 -7.06
N ILE A 99 -18.21 6.76 -6.59
CA ILE A 99 -18.23 7.82 -5.51
C ILE A 99 -17.44 9.01 -6.18
N GLU A 100 -17.87 10.24 -5.91
CA GLU A 100 -16.98 11.38 -6.05
C GLU A 100 -16.89 12.02 -4.67
N ASP A 101 -15.69 12.36 -4.25
CA ASP A 101 -15.51 12.95 -2.93
C ASP A 101 -14.59 14.15 -3.02
N SER A 102 -14.95 15.24 -2.33
CA SER A 102 -14.17 16.47 -2.37
C SER A 102 -13.30 16.71 -1.16
N VAL A 103 -13.32 15.82 -0.18
CA VAL A 103 -12.55 15.97 1.05
C VAL A 103 -11.23 15.18 1.00
N ILE A 104 -11.29 13.92 0.56
CA ILE A 104 -10.05 13.18 0.31
C ILE A 104 -9.25 13.87 -0.81
N SER A 105 -7.96 13.58 -0.84
CA SER A 105 -7.08 14.07 -1.89
C SER A 105 -6.04 12.97 -2.19
N LEU A 106 -5.36 13.13 -3.32
CA LEU A 106 -4.21 12.33 -3.67
C LEU A 106 -2.91 13.12 -3.56
N SER A 107 -2.94 14.27 -2.88
CA SER A 107 -1.73 15.01 -2.49
C SER A 107 -2.04 15.83 -1.26
N GLY A 108 -1.01 16.36 -0.62
CA GLY A 108 -1.13 17.26 0.49
C GLY A 108 -1.54 16.61 1.80
N ASP A 109 -2.04 17.42 2.74
N ASP A 109 -2.05 17.44 2.68
CA ASP A 109 -2.37 16.87 4.05
CA ASP A 109 -2.44 17.04 4.02
C ASP A 109 -3.64 16.01 4.08
C ASP A 109 -3.62 16.06 4.07
N HIS A 110 -4.49 16.10 3.07
CA HIS A 110 -5.64 15.24 2.98
C HIS A 110 -5.33 13.98 2.18
N CYS A 111 -4.06 13.77 1.81
CA CYS A 111 -3.68 12.66 0.95
C CYS A 111 -3.94 11.31 1.62
N ILE A 112 -4.61 10.45 0.88
CA ILE A 112 -4.96 9.09 1.34
C ILE A 112 -3.97 8.02 0.85
N THR A 113 -3.09 8.37 -0.08
CA THR A 113 -2.12 7.43 -0.58
C THR A 113 -1.21 6.99 0.56
N GLY A 114 -0.91 5.70 0.59
CA GLY A 114 -0.10 5.11 1.68
C GLY A 114 -0.87 4.79 2.91
N ARG A 115 -2.19 5.00 2.90
CA ARG A 115 -3.09 4.65 3.97
C ARG A 115 -3.92 3.46 3.57
N THR A 116 -4.81 2.96 4.43
CA THR A 116 -5.54 1.72 4.17
C THR A 116 -7.01 2.00 3.88
N LEU A 117 -7.53 1.43 2.81
CA LEU A 117 -8.97 1.43 2.56
C LEU A 117 -9.56 0.13 3.17
N VAL A 118 -10.67 0.28 3.89
CA VAL A 118 -11.28 -0.86 4.60
C VAL A 118 -12.75 -0.93 4.25
N VAL A 119 -13.23 -2.15 4.00
CA VAL A 119 -14.65 -2.42 3.90
C VAL A 119 -15.06 -3.25 5.12
N HIS A 120 -16.13 -2.82 5.79
CA HIS A 120 -16.54 -3.31 7.09
C HIS A 120 -17.68 -4.30 7.03
N GLU A 121 -17.87 -4.99 8.16
CA GLU A 121 -18.88 -6.02 8.38
C GLU A 121 -20.31 -5.51 8.23
N LYS A 122 -20.56 -4.33 8.78
CA LYS A 122 -21.87 -3.80 9.05
C LYS A 122 -22.02 -2.41 8.40
N ALA A 123 -23.24 -1.88 8.42
CA ALA A 123 -23.51 -0.53 7.97
C ALA A 123 -22.83 0.50 8.86
N ASP A 124 -22.37 1.56 8.23
CA ASP A 124 -21.97 2.80 8.91
C ASP A 124 -23.24 3.66 9.05
N ASP A 125 -23.55 4.03 10.29
CA ASP A 125 -24.70 4.88 10.58
C ASP A 125 -24.44 6.37 10.37
N LEU A 126 -23.26 6.69 9.83
CA LEU A 126 -22.95 8.06 9.41
C LEU A 126 -22.99 9.07 10.55
N GLY A 127 -22.76 8.58 11.75
CA GLY A 127 -22.79 9.41 12.92
C GLY A 127 -24.18 9.73 13.47
N LYS A 128 -25.21 9.06 12.95
CA LYS A 128 -26.63 9.33 13.30
C LYS A 128 -27.23 8.25 14.15
N GLY A 129 -26.41 7.38 14.72
CA GLY A 129 -26.87 6.25 15.50
C GLY A 129 -27.21 6.54 16.92
N GLY A 130 -26.86 7.73 17.41
CA GLY A 130 -27.29 8.09 18.78
C GLY A 130 -26.56 7.40 19.94
N ASN A 131 -25.43 6.75 19.71
CA ASN A 131 -24.55 6.28 20.79
C ASN A 131 -23.18 6.89 20.61
N GLU A 132 -22.30 6.72 21.60
CA GLU A 132 -20.98 7.34 21.55
C GLU A 132 -20.17 6.79 20.38
N GLU A 133 -20.31 5.50 20.15
CA GLU A 133 -19.48 4.90 19.12
C GLU A 133 -19.92 5.40 17.71
N SER A 134 -21.16 5.84 17.52
CA SER A 134 -21.61 6.34 16.24
C SER A 134 -20.72 7.48 15.75
N THR A 135 -20.29 8.37 16.64
CA THR A 135 -19.46 9.51 16.22
C THR A 135 -17.95 9.22 16.26
N LYS A 136 -17.58 7.94 16.36
CA LYS A 136 -16.20 7.50 16.25
C LYS A 136 -15.98 6.57 15.07
N THR A 137 -16.78 5.51 15.01
CA THR A 137 -16.65 4.49 13.98
C THR A 137 -17.90 4.31 13.11
N GLY A 138 -19.03 4.91 13.47
CA GLY A 138 -20.30 4.66 12.79
C GLY A 138 -20.91 3.30 13.05
N ASN A 139 -20.38 2.55 14.03
CA ASN A 139 -20.89 1.24 14.38
C ASN A 139 -20.81 0.26 13.20
N ALA A 140 -19.80 0.39 12.35
CA ALA A 140 -19.66 -0.46 11.18
C ALA A 140 -19.04 -1.81 11.44
N GLY A 141 -18.60 -2.08 12.67
CA GLY A 141 -18.10 -3.41 13.03
C GLY A 141 -16.75 -3.76 12.42
N SER A 142 -16.53 -5.07 12.31
CA SER A 142 -15.22 -5.60 11.97
C SER A 142 -14.82 -5.30 10.55
N ARG A 143 -13.58 -5.64 10.25
CA ARG A 143 -12.96 -5.28 9.00
C ARG A 143 -12.89 -6.52 8.14
N LEU A 144 -13.61 -6.54 7.04
CA LEU A 144 -13.69 -7.72 6.20
C LEU A 144 -12.58 -7.83 5.17
N ALA A 145 -12.15 -6.69 4.65
CA ALA A 145 -11.07 -6.68 3.68
C ALA A 145 -10.48 -5.29 3.66
N CYS A 146 -9.23 -5.22 3.24
CA CYS A 146 -8.53 -3.94 3.21
C CYS A 146 -7.35 -4.02 2.28
N GLY A 147 -6.76 -2.88 1.99
CA GLY A 147 -5.52 -2.82 1.24
C GLY A 147 -4.92 -1.44 1.42
N VAL A 148 -3.63 -1.35 1.09
CA VAL A 148 -2.93 -0.07 1.15
C VAL A 148 -3.16 0.63 -0.19
N ILE A 149 -3.48 1.93 -0.12
CA ILE A 149 -3.72 2.72 -1.32
C ILE A 149 -2.36 3.11 -1.92
N GLY A 150 -2.17 2.75 -3.18
CA GLY A 150 -0.89 2.96 -3.85
C GLY A 150 -0.97 3.91 -5.01
N ILE A 151 0.17 4.48 -5.34
CA ILE A 151 0.29 5.35 -6.51
C ILE A 151 0.11 4.53 -7.78
N ALA A 152 -0.70 5.03 -8.71
CA ALA A 152 -0.97 4.32 -9.96
C ALA A 152 -0.41 5.11 -11.14
N GLN A 153 -0.21 4.36 -12.24
CA GLN A 153 0.33 4.82 -13.46
C GLN A 153 -0.69 5.65 -14.18
N ALA B 1 11.03 9.26 13.82
CA ALA B 1 10.24 10.46 13.41
C ALA B 1 9.13 10.10 12.44
N THR B 2 9.47 9.57 11.28
CA THR B 2 8.51 9.08 10.30
C THR B 2 8.74 7.58 10.12
N LYS B 3 7.66 6.82 10.00
CA LYS B 3 7.75 5.35 9.91
C LYS B 3 6.86 4.85 8.79
N ALA B 4 7.27 3.75 8.16
CA ALA B 4 6.50 3.08 7.14
C ALA B 4 6.68 1.58 7.30
N VAL B 5 5.86 0.81 6.60
CA VAL B 5 5.83 -0.65 6.74
C VAL B 5 5.34 -1.27 5.46
N CYS B 6 5.80 -2.49 5.20
CA CYS B 6 5.37 -3.22 4.04
C CYS B 6 5.23 -4.69 4.39
N VAL B 7 4.10 -5.27 4.01
CA VAL B 7 3.85 -6.70 4.11
C VAL B 7 4.03 -7.31 2.73
N LEU B 8 5.04 -8.19 2.61
CA LEU B 8 5.34 -8.84 1.33
C LEU B 8 4.61 -10.20 1.22
N LYS B 9 3.89 -10.41 0.12
CA LYS B 9 3.19 -11.66 -0.15
C LYS B 9 3.35 -11.98 -1.61
N GLY B 10 3.88 -13.24 -1.59
N GLY B 10 2.89 -13.14 -2.14
CA GLY B 10 3.99 -14.13 -2.69
CA GLY B 10 2.75 -13.37 -3.64
C GLY B 10 4.10 -15.64 -2.38
C GLY B 10 1.96 -14.65 -3.93
N ASP B 11 4.00 -16.40 -3.45
N ASP B 11 2.46 -15.53 -4.79
CA ASP B 11 3.92 -17.85 -3.35
CA ASP B 11 2.05 -16.94 -4.66
C ASP B 11 5.20 -18.48 -2.78
C ASP B 11 3.27 -17.77 -4.29
N GLY B 12 5.02 -19.46 -1.90
N GLY B 12 3.63 -17.82 -3.01
CA GLY B 12 6.16 -20.15 -1.28
CA GLY B 12 5.00 -18.13 -2.64
C GLY B 12 5.72 -20.87 -0.02
C GLY B 12 5.38 -19.50 -2.11
N PRO B 13 5.20 -20.13 0.97
N PRO B 13 5.46 -19.68 -0.78
CA PRO B 13 4.99 -18.69 0.93
CA PRO B 13 5.11 -18.91 0.40
C PRO B 13 6.31 -17.99 0.93
C PRO B 13 6.27 -18.07 0.82
N VAL B 14 6.51 -17.04 0.02
CA VAL B 14 7.52 -16.04 0.23
C VAL B 14 6.67 -15.01 0.94
N GLN B 15 7.04 -14.70 2.17
CA GLN B 15 6.35 -13.71 3.01
C GLN B 15 7.35 -12.98 3.79
N GLY B 16 7.01 -11.73 4.08
CA GLY B 16 7.88 -10.97 4.87
C GLY B 16 7.19 -9.72 5.38
N ILE B 17 7.81 -9.19 6.45
N ILE B 17 7.98 -8.99 6.14
CA ILE B 17 7.52 -7.86 7.01
CA ILE B 17 7.46 -7.85 6.82
C ILE B 17 8.76 -6.99 6.94
C ILE B 17 8.68 -6.95 7.04
N ILE B 18 8.62 -5.78 6.41
CA ILE B 18 9.74 -4.84 6.34
C ILE B 18 9.28 -3.51 6.94
N ASN B 19 10.08 -2.99 7.85
CA ASN B 19 9.86 -1.73 8.53
C ASN B 19 10.84 -0.68 8.03
N PHE B 20 10.38 0.57 8.01
CA PHE B 20 11.20 1.72 7.61
C PHE B 20 11.07 2.80 8.70
N GLU B 21 12.18 3.45 9.04
CA GLU B 21 12.15 4.58 9.95
C GLU B 21 13.12 5.66 9.52
N GLN B 22 12.68 6.91 9.56
CA GLN B 22 13.49 8.05 9.17
C GLN B 22 13.37 9.08 10.29
N LYS B 23 14.47 9.29 11.00
CA LYS B 23 14.49 10.21 12.12
C LYS B 23 14.19 11.66 11.72
N GLU B 24 14.64 12.07 10.52
CA GLU B 24 14.25 13.37 9.94
C GLU B 24 14.21 13.35 8.42
N SER B 25 13.45 14.27 7.81
CA SER B 25 13.17 14.26 6.36
C SER B 25 14.45 14.36 5.53
N ASN B 26 15.44 15.04 6.09
CA ASN B 26 16.72 15.16 5.39
C ASN B 26 17.69 13.99 5.70
N GLY B 27 17.17 12.91 6.30
CA GLY B 27 18.10 11.91 6.87
C GLY B 27 17.93 10.56 6.26
N PRO B 28 18.81 9.62 6.64
CA PRO B 28 18.71 8.29 6.12
C PRO B 28 17.55 7.52 6.71
N VAL B 29 17.20 6.45 6.01
CA VAL B 29 16.11 5.62 6.34
C VAL B 29 16.66 4.26 6.77
N LYS B 30 16.28 3.83 7.95
CA LYS B 30 16.56 2.48 8.37
C LYS B 30 15.51 1.50 7.85
N VAL B 31 15.95 0.38 7.31
CA VAL B 31 15.11 -0.62 6.73
C VAL B 31 15.45 -1.94 7.39
N TRP B 32 14.47 -2.55 8.03
CA TRP B 32 14.76 -3.78 8.73
C TRP B 32 13.58 -4.69 8.79
N GLY B 33 13.87 -5.98 8.91
CA GLY B 33 12.79 -6.97 8.99
C GLY B 33 13.24 -8.35 8.57
N SER B 34 12.29 -9.17 8.10
CA SER B 34 12.57 -10.58 7.77
C SER B 34 11.73 -11.03 6.59
N ILE B 35 12.34 -11.90 5.78
CA ILE B 35 11.62 -12.49 4.68
C ILE B 35 11.93 -13.98 4.73
N LYS B 36 10.87 -14.77 4.62
CA LYS B 36 11.00 -16.24 4.70
C LYS B 36 10.44 -16.88 3.45
N GLY B 37 10.76 -18.16 3.30
CA GLY B 37 10.31 -18.91 2.13
C GLY B 37 11.16 -18.78 0.88
N LEU B 38 12.34 -18.16 1.00
CA LEU B 38 13.22 -17.89 -0.12
C LEU B 38 14.19 -19.04 -0.36
N THR B 39 14.61 -19.22 -1.61
CA THR B 39 15.73 -20.11 -1.91
C THR B 39 17.03 -19.51 -1.37
N GLU B 40 18.00 -20.36 -1.03
CA GLU B 40 19.27 -19.91 -0.50
C GLU B 40 19.96 -19.04 -1.55
N GLY B 41 20.52 -17.90 -1.13
CA GLY B 41 21.23 -17.03 -2.02
C GLY B 41 20.66 -15.63 -2.07
N LEU B 42 21.11 -14.87 -3.05
CA LEU B 42 20.71 -13.48 -3.17
C LEU B 42 19.39 -13.34 -3.88
N HIS B 43 18.62 -12.34 -3.45
CA HIS B 43 17.36 -11.97 -4.08
C HIS B 43 17.30 -10.47 -4.22
N GLY B 44 17.11 -9.99 -5.44
CA GLY B 44 17.03 -8.55 -5.66
C GLY B 44 15.92 -7.96 -4.81
N PHE B 45 16.12 -6.72 -4.38
CA PHE B 45 15.26 -6.08 -3.38
C PHE B 45 15.12 -4.62 -3.76
N HIS B 46 13.94 -4.23 -4.28
CA HIS B 46 13.78 -2.89 -4.86
C HIS B 46 12.43 -2.29 -4.50
N VAL B 47 12.42 -0.97 -4.47
CA VAL B 47 11.17 -0.22 -4.54
C VAL B 47 10.86 0.03 -6.01
N HIS B 48 9.68 -0.37 -6.43
CA HIS B 48 9.17 -0.15 -7.77
C HIS B 48 8.31 1.11 -7.82
N GLU B 49 8.06 1.59 -9.02
N GLU B 49 8.07 1.62 -9.03
CA GLU B 49 7.48 2.90 -9.20
CA GLU B 49 7.51 2.96 -9.26
C GLU B 49 6.07 3.02 -8.66
C GLU B 49 6.05 3.06 -8.74
N PHE B 50 5.22 2.06 -8.98
CA PHE B 50 3.79 2.16 -8.68
C PHE B 50 3.44 1.28 -7.50
N GLY B 51 2.49 1.74 -6.72
CA GLY B 51 1.87 0.94 -5.68
C GLY B 51 0.63 0.21 -6.13
N ASP B 52 0.66 -0.32 -7.32
CA ASP B 52 -0.45 -0.99 -7.97
C ASP B 52 -0.18 -2.46 -7.99
N ASN B 53 -1.02 -3.20 -7.30
N ASN B 53 -1.04 -3.22 -7.31
CA ASN B 53 -0.94 -4.64 -7.30
CA ASN B 53 -0.95 -4.67 -7.28
C ASN B 53 -2.20 -5.29 -7.92
C ASN B 53 -2.20 -5.31 -7.90
N THR B 54 -2.83 -4.57 -8.81
CA THR B 54 -4.09 -5.02 -9.42
C THR B 54 -4.00 -6.43 -9.94
N ALA B 55 -2.97 -6.67 -10.75
CA ALA B 55 -2.78 -7.97 -11.40
C ALA B 55 -1.61 -8.72 -10.79
N GLY B 56 -1.24 -8.42 -9.56
CA GLY B 56 -0.05 -8.95 -8.92
C GLY B 56 1.13 -7.99 -8.97
N CYS B 57 2.31 -8.53 -8.69
CA CYS B 57 3.49 -7.70 -8.56
C CYS B 57 3.93 -7.05 -9.88
N THR B 58 3.51 -7.62 -11.02
N THR B 58 3.53 -7.62 -11.02
CA THR B 58 3.81 -7.03 -12.31
CA THR B 58 3.87 -7.00 -12.28
C THR B 58 3.30 -5.59 -12.44
C THR B 58 3.31 -5.58 -12.43
N SER B 59 2.16 -5.32 -11.79
CA SER B 59 1.48 -4.05 -11.93
C SER B 59 2.31 -2.88 -11.34
N ALA B 60 3.33 -3.21 -10.53
CA ALA B 60 4.14 -2.23 -9.88
C ALA B 60 5.08 -1.50 -10.83
N GLY B 61 5.27 -2.02 -12.05
CA GLY B 61 6.10 -1.33 -13.02
C GLY B 61 7.57 -1.48 -12.74
N PRO B 62 8.39 -0.58 -13.30
CA PRO B 62 9.84 -0.67 -13.19
C PRO B 62 10.34 -0.19 -11.82
N HIS B 63 11.64 -0.24 -11.59
CA HIS B 63 12.19 0.31 -10.36
C HIS B 63 11.83 1.78 -10.22
N PHE B 64 11.61 2.24 -9.00
CA PHE B 64 11.33 3.66 -8.75
C PHE B 64 12.58 4.47 -9.13
N ASN B 65 12.40 5.36 -10.09
CA ASN B 65 13.51 6.04 -10.74
C ASN B 65 13.16 7.50 -11.05
N PRO B 66 12.93 8.31 -10.01
CA PRO B 66 12.49 9.70 -10.26
C PRO B 66 13.51 10.55 -10.99
N LEU B 67 14.80 10.20 -10.90
CA LEU B 67 15.86 10.98 -11.52
C LEU B 67 16.30 10.43 -12.89
N SER B 68 15.62 9.42 -13.41
CA SER B 68 15.91 8.90 -14.74
C SER B 68 17.35 8.41 -14.89
N ARG B 69 17.87 7.76 -13.87
CA ARG B 69 19.20 7.20 -13.89
C ARG B 69 19.19 5.74 -14.32
N LYS B 70 20.37 5.17 -14.48
CA LYS B 70 20.53 3.74 -14.73
C LYS B 70 20.56 2.98 -13.40
N HIS B 71 20.30 1.66 -13.50
CA HIS B 71 20.29 0.76 -12.36
C HIS B 71 21.67 0.61 -11.75
N GLY B 72 21.72 0.52 -10.41
CA GLY B 72 22.97 0.25 -9.71
C GLY B 72 22.70 -0.41 -8.39
N GLY B 73 23.73 -0.48 -7.56
CA GLY B 73 23.60 -0.92 -6.18
C GLY B 73 23.39 0.27 -5.29
N PRO B 74 23.00 0.02 -4.04
CA PRO B 74 22.67 1.12 -3.16
C PRO B 74 23.87 2.03 -2.86
N LYS B 75 25.10 1.53 -2.92
CA LYS B 75 26.28 2.34 -2.67
C LYS B 75 26.70 3.23 -3.83
N ASP B 76 26.15 2.98 -4.99
CA ASP B 76 26.55 3.66 -6.20
C ASP B 76 25.87 5.02 -6.32
N GLU B 77 26.59 6.00 -6.85
CA GLU B 77 25.96 7.27 -7.21
C GLU B 77 24.94 7.09 -8.33
N GLU B 78 25.34 6.31 -9.34
CA GLU B 78 24.45 6.02 -10.45
C GLU B 78 23.59 4.81 -10.06
N ARG B 79 22.37 5.10 -9.63
CA ARG B 79 21.38 4.08 -9.21
C ARG B 79 20.00 4.70 -9.39
N HIS B 80 19.02 3.83 -9.41
CA HIS B 80 17.63 4.21 -9.20
C HIS B 80 17.41 4.51 -7.72
N VAL B 81 16.51 5.44 -7.39
CA VAL B 81 16.16 5.64 -5.98
C VAL B 81 15.74 4.29 -5.35
N GLY B 82 14.99 3.48 -6.08
CA GLY B 82 14.50 2.23 -5.49
C GLY B 82 15.49 1.11 -5.38
N ASP B 83 16.76 1.30 -5.75
CA ASP B 83 17.76 0.21 -5.74
C ASP B 83 18.33 -0.07 -4.35
N LEU B 84 17.77 -1.06 -3.68
CA LEU B 84 18.20 -1.46 -2.34
C LEU B 84 19.04 -2.74 -2.35
N GLY B 85 19.50 -3.15 -3.53
CA GLY B 85 20.48 -4.22 -3.62
C GLY B 85 19.83 -5.58 -3.56
N ASN B 86 20.37 -6.43 -2.65
CA ASN B 86 19.92 -7.80 -2.45
C ASN B 86 19.66 -8.06 -0.98
N VAL B 87 18.76 -8.98 -0.73
CA VAL B 87 18.69 -9.66 0.55
C VAL B 87 19.25 -11.05 0.33
N THR B 88 19.79 -11.63 1.36
CA THR B 88 20.48 -12.89 1.22
C THR B 88 19.90 -13.89 2.20
N ALA B 89 19.36 -14.98 1.66
CA ALA B 89 18.79 -16.04 2.45
C ALA B 89 19.75 -17.22 2.63
N ASP B 90 19.67 -17.82 3.82
CA ASP B 90 20.41 -19.06 4.11
C ASP B 90 19.55 -20.27 3.69
N LYS B 91 20.04 -21.45 4.00
CA LYS B 91 19.32 -22.72 3.74
C LYS B 91 17.98 -22.77 4.43
N ASP B 92 17.87 -22.05 5.54
CA ASP B 92 16.64 -22.00 6.30
C ASP B 92 15.57 -21.16 5.52
N GLY B 93 15.91 -20.53 4.40
CA GLY B 93 14.97 -19.76 3.62
C GLY B 93 14.72 -18.36 4.14
N VAL B 94 15.45 -17.93 5.17
CA VAL B 94 15.25 -16.62 5.80
C VAL B 94 16.36 -15.66 5.49
N ALA B 95 15.94 -14.43 5.10
CA ALA B 95 16.84 -13.31 4.97
C ALA B 95 16.53 -12.29 6.05
N ASP B 96 17.54 -11.93 6.83
CA ASP B 96 17.44 -10.86 7.81
C ASP B 96 17.83 -9.58 7.09
N VAL B 97 16.94 -8.61 7.22
CA VAL B 97 17.15 -7.36 6.55
C VAL B 97 17.55 -6.32 7.55
N SER B 98 18.65 -5.64 7.27
CA SER B 98 19.12 -4.52 8.05
C SER B 98 19.96 -3.63 7.15
N ILE B 99 19.31 -2.62 6.60
CA ILE B 99 19.84 -1.70 5.58
C ILE B 99 19.69 -0.29 6.18
N GLU B 100 20.63 0.60 5.94
CA GLU B 100 20.39 2.03 6.09
C GLU B 100 20.66 2.59 4.71
N ASP B 101 19.78 3.48 4.26
CA ASP B 101 19.88 4.04 2.95
C ASP B 101 19.61 5.53 2.98
N SER B 102 20.44 6.28 2.27
CA SER B 102 20.34 7.72 2.25
C SER B 102 19.63 8.30 1.05
N VAL B 103 19.25 7.48 0.11
CA VAL B 103 18.65 7.95 -1.13
C VAL B 103 17.12 7.84 -1.11
N ILE B 104 16.60 6.73 -0.64
CA ILE B 104 15.18 6.65 -0.36
C ILE B 104 14.79 7.64 0.73
N SER B 105 13.52 7.98 0.78
CA SER B 105 13.02 8.86 1.81
C SER B 105 11.57 8.47 2.11
N LEU B 106 11.08 8.93 3.27
CA LEU B 106 9.69 8.80 3.62
C LEU B 106 8.95 10.16 3.50
N SER B 107 9.55 11.12 2.81
CA SER B 107 8.92 12.37 2.38
C SER B 107 9.59 12.90 1.10
N GLY B 108 8.98 13.92 0.50
CA GLY B 108 9.63 14.60 -0.60
C GLY B 108 9.55 13.84 -1.89
N ASP B 109 10.38 14.26 -2.84
CA ASP B 109 10.29 13.73 -4.18
C ASP B 109 10.78 12.30 -4.29
N HIS B 110 11.61 11.88 -3.34
CA HIS B 110 12.13 10.52 -3.29
C HIS B 110 11.37 9.64 -2.31
N CYS B 111 10.16 10.05 -1.93
CA CYS B 111 9.32 9.30 -1.00
C CYS B 111 8.89 7.99 -1.62
N ILE B 112 9.06 6.91 -0.86
CA ILE B 112 8.74 5.56 -1.31
C ILE B 112 7.37 5.08 -0.78
N THR B 113 6.74 5.82 0.11
CA THR B 113 5.44 5.43 0.61
C THR B 113 4.43 5.48 -0.54
N GLY B 114 3.54 4.50 -0.57
CA GLY B 114 2.59 4.37 -1.66
C GLY B 114 3.13 3.66 -2.89
N ARG B 115 4.36 3.19 -2.83
CA ARG B 115 4.99 2.44 -3.90
C ARG B 115 5.13 0.99 -3.48
N THR B 116 5.60 0.11 -4.35
CA THR B 116 5.65 -1.33 -4.04
C THR B 116 7.08 -1.73 -3.77
N LEU B 117 7.29 -2.47 -2.70
CA LEU B 117 8.55 -3.16 -2.41
C LEU B 117 8.45 -4.59 -3.01
N VAL B 118 9.51 -5.03 -3.71
CA VAL B 118 9.51 -6.32 -4.39
C VAL B 118 10.78 -7.07 -4.01
N VAL B 119 10.60 -8.36 -3.71
CA VAL B 119 11.72 -9.31 -3.60
C VAL B 119 11.70 -10.21 -4.81
N HIS B 120 12.85 -10.36 -5.44
CA HIS B 120 12.96 -11.03 -6.73
C HIS B 120 13.48 -12.46 -6.65
N GLU B 121 13.31 -13.16 -7.78
CA GLU B 121 13.72 -14.55 -7.96
C GLU B 121 15.20 -14.80 -7.76
N LYS B 122 16.03 -13.91 -8.28
CA LYS B 122 17.44 -14.14 -8.43
C LYS B 122 18.23 -12.92 -7.96
N ALA B 123 19.55 -13.01 -8.06
CA ALA B 123 20.44 -11.96 -7.62
C ALA B 123 20.34 -10.77 -8.53
N ASP B 124 20.44 -9.60 -7.87
CA ASP B 124 20.69 -8.32 -8.58
C ASP B 124 22.22 -8.17 -8.72
N ASP B 125 22.65 -7.99 -9.97
CA ASP B 125 24.05 -7.79 -10.27
C ASP B 125 24.53 -6.35 -10.09
N LEU B 126 23.67 -5.49 -9.56
CA LEU B 126 24.01 -4.13 -9.18
C LEU B 126 24.52 -3.32 -10.34
N GLY B 127 24.06 -3.66 -11.55
CA GLY B 127 24.44 -2.96 -12.76
C GLY B 127 25.82 -3.32 -13.30
N LYS B 128 26.44 -4.37 -12.73
CA LYS B 128 27.81 -4.77 -13.10
C LYS B 128 27.83 -6.02 -13.95
N GLY B 129 26.70 -6.42 -14.51
CA GLY B 129 26.62 -7.63 -15.26
C GLY B 129 27.05 -7.55 -16.70
N GLY B 130 27.24 -6.36 -17.25
CA GLY B 130 27.76 -6.27 -18.62
C GLY B 130 26.82 -6.68 -19.75
N ASN B 131 25.52 -6.74 -19.52
CA ASN B 131 24.49 -6.79 -20.56
C ASN B 131 23.55 -5.60 -20.40
N GLU B 132 22.67 -5.37 -21.37
CA GLU B 132 21.82 -4.19 -21.33
C GLU B 132 20.87 -4.25 -20.13
N GLU B 133 20.33 -5.43 -19.90
CA GLU B 133 19.35 -5.57 -18.82
C GLU B 133 19.99 -5.29 -17.43
N SER B 134 21.29 -5.48 -17.24
CA SER B 134 21.95 -5.18 -15.99
C SER B 134 21.72 -3.76 -15.56
N THR B 135 21.71 -2.80 -16.52
CA THR B 135 21.55 -1.38 -16.20
C THR B 135 20.08 -0.93 -16.13
N LYS B 136 19.13 -1.87 -16.20
CA LYS B 136 17.70 -1.60 -16.03
C LYS B 136 17.10 -2.32 -14.82
N THR B 137 17.35 -3.65 -14.75
CA THR B 137 16.75 -4.49 -13.73
C THR B 137 17.76 -5.19 -12.82
N GLY B 138 19.04 -5.20 -13.21
CA GLY B 138 20.05 -5.95 -12.50
C GLY B 138 19.96 -7.45 -12.74
N ASN B 139 19.15 -7.84 -13.71
CA ASN B 139 18.97 -9.28 -14.02
C ASN B 139 18.41 -10.11 -12.86
N ALA B 140 17.59 -9.47 -12.01
CA ALA B 140 17.09 -10.13 -10.81
C ALA B 140 15.87 -11.02 -11.05
N GLY B 141 15.34 -11.06 -12.26
CA GLY B 141 14.27 -11.98 -12.61
C GLY B 141 12.92 -11.63 -12.06
N SER B 142 12.11 -12.66 -11.89
CA SER B 142 10.70 -12.51 -11.62
C SER B 142 10.47 -12.01 -10.19
N ARG B 143 9.22 -11.70 -9.91
CA ARG B 143 8.83 -11.03 -8.68
C ARG B 143 8.15 -12.07 -7.76
N LEU B 144 8.85 -12.46 -6.72
CA LEU B 144 8.38 -13.52 -5.86
C LEU B 144 7.29 -13.06 -4.89
N ALA B 145 7.45 -11.86 -4.37
CA ALA B 145 6.54 -11.30 -3.39
C ALA B 145 6.66 -9.79 -3.40
N CYS B 146 5.59 -9.13 -2.99
CA CYS B 146 5.58 -7.69 -3.00
C CYS B 146 4.49 -7.20 -2.04
N GLY B 147 4.55 -5.90 -1.77
CA GLY B 147 3.51 -5.21 -1.02
C GLY B 147 3.64 -3.73 -1.21
N VAL B 148 2.57 -3.03 -0.91
CA VAL B 148 2.58 -1.58 -0.98
C VAL B 148 3.12 -1.02 0.32
N ILE B 149 4.03 -0.05 0.24
CA ILE B 149 4.65 0.55 1.41
C ILE B 149 3.68 1.58 1.99
N GLY B 150 3.32 1.41 3.25
CA GLY B 150 2.32 2.25 3.91
C GLY B 150 2.84 3.05 5.07
N ILE B 151 2.13 4.11 5.40
CA ILE B 151 2.44 4.93 6.54
C ILE B 151 2.19 4.13 7.81
N ALA B 152 3.12 4.18 8.74
CA ALA B 152 3.02 3.42 10.00
C ALA B 152 2.93 4.33 11.18
N GLN B 153 2.39 3.79 12.25
CA GLN B 153 2.23 4.46 13.53
C GLN B 153 3.53 4.76 14.20
#